data_2VJR
#
_entry.id   2VJR
#
_cell.length_a   117.538
_cell.length_b   117.538
_cell.length_c   116.163
_cell.angle_alpha   90.00
_cell.angle_beta   90.00
_cell.angle_gamma   120.00
#
_symmetry.space_group_name_H-M   'P 63 2 2'
#
loop_
_entity.id
_entity.type
_entity.pdbx_description
1 polymer 'PHYCOCYANIN ALPHA CHAIN'
2 polymer 'PHYCOCYANIN BETA CHAIN'
3 non-polymer PHYCOCYANOBILIN
4 water water
#
loop_
_entity_poly.entity_id
_entity_poly.type
_entity_poly.pdbx_seq_one_letter_code
_entity_poly.pdbx_strand_id
1 'polypeptide(L)'
;MKTVITEVIASADSQGRFLNNTELQAANGRFQRATASMEAARALTSNADSLVKGAVQEVYNKFPYLTQPGQMGYGDTNQA
KCARDISHYLRFITYSLVAGGTGPLDDYIVAGLREVNRTFNLSPSWYIEALKHIKGKVGSQLSGQPLTEANAYIDYCINA
LS
;
A
2 'polypeptide(L)'
;MQDAFTKAIVAADLRGSFLSEQELNQLTNLVKESNKRLDAVNAITGNAAEIISDAAHKLFAEQTDLIRPGGNAYPNRRMA
ACLRDMEIILRYVSYALLAGDASVLEDRCLNGLKETYVALGTPTRSVARAVQLMKETAIGYVNSPSGVTRGDCSALVNEA
ATYFDKAAASIA
;
B
#
loop_
_chem_comp.id
_chem_comp.type
_chem_comp.name
_chem_comp.formula
CYC non-polymer PHYCOCYANOBILIN 'C33 H40 N4 O6'
#
# COMPACT_ATOMS: atom_id res chain seq x y z
N MET A 1 -3.97 -4.78 -1.17
CA MET A 1 -4.98 -3.77 -0.77
C MET A 1 -4.92 -2.58 -1.73
N LYS A 2 -6.04 -2.33 -2.39
CA LYS A 2 -6.01 -1.45 -3.52
C LYS A 2 -5.76 0.00 -3.13
N THR A 3 -4.60 0.51 -3.55
CA THR A 3 -4.28 1.95 -3.48
C THR A 3 -3.69 2.29 -4.83
N VAL A 4 -3.61 3.58 -5.15
CA VAL A 4 -2.90 4.01 -6.35
C VAL A 4 -1.49 3.39 -6.40
N ILE A 5 -0.77 3.39 -5.30
CA ILE A 5 0.60 2.83 -5.25
C ILE A 5 0.67 1.33 -5.56
N THR A 6 -0.17 0.56 -4.90
CA THR A 6 -0.23 -0.87 -5.13
C THR A 6 -0.72 -1.14 -6.55
N GLU A 7 -1.62 -0.33 -7.08
CA GLU A 7 -2.15 -0.63 -8.42
C GLU A 7 -1.06 -0.49 -9.47
N VAL A 8 -0.34 0.62 -9.47
CA VAL A 8 0.72 0.83 -10.46
C VAL A 8 1.85 -0.20 -10.28
N ILE A 9 2.19 -0.52 -9.05
CA ILE A 9 3.21 -1.54 -8.82
C ILE A 9 2.72 -2.88 -9.39
N ALA A 10 1.49 -3.26 -9.09
CA ALA A 10 0.90 -4.52 -9.63
C ALA A 10 0.98 -4.57 -11.16
N SER A 11 0.70 -3.45 -11.80
CA SER A 11 0.69 -3.39 -13.25
C SER A 11 2.10 -3.49 -13.86
N ALA A 12 3.09 -2.93 -13.17
CA ALA A 12 4.50 -3.05 -13.56
C ALA A 12 4.97 -4.49 -13.41
N ASP A 13 4.74 -5.05 -12.23
CA ASP A 13 5.19 -6.39 -11.91
C ASP A 13 4.66 -7.41 -12.89
N SER A 14 3.41 -7.23 -13.29
CA SER A 14 2.76 -8.21 -14.11
C SER A 14 3.26 -8.14 -15.53
N GLN A 15 3.97 -7.07 -15.89
CA GLN A 15 4.64 -6.99 -17.20
C GLN A 15 6.15 -7.10 -17.07
N GLY A 16 6.63 -7.40 -15.86
CA GLY A 16 8.04 -7.67 -15.59
C GLY A 16 8.90 -6.46 -15.81
N ARG A 17 8.45 -5.33 -15.28
CA ARG A 17 8.87 -4.03 -15.77
C ARG A 17 9.14 -3.07 -14.62
N PHE A 18 10.18 -2.27 -14.74
CA PHE A 18 10.43 -1.19 -13.78
C PHE A 18 9.32 -0.15 -13.88
N LEU A 19 9.09 0.55 -12.78
CA LEU A 19 8.16 1.67 -12.78
C LEU A 19 8.67 2.75 -13.73
N ASN A 20 7.81 3.23 -14.60
CA ASN A 20 8.20 4.28 -15.55
C ASN A 20 7.37 5.57 -15.36
N ASN A 21 7.60 6.57 -16.19
CA ASN A 21 7.01 7.88 -15.97
C ASN A 21 5.47 7.85 -15.85
N THR A 22 4.82 6.96 -16.59
CA THR A 22 3.38 6.70 -16.50
C THR A 22 2.97 6.37 -15.07
N GLU A 23 3.68 5.43 -14.47
CA GLU A 23 3.39 4.95 -13.12
C GLU A 23 3.76 5.99 -12.03
N LEU A 24 4.85 6.72 -12.21
CA LEU A 24 5.21 7.75 -11.23
C LEU A 24 4.28 8.98 -11.28
N GLN A 25 3.84 9.37 -12.47
CA GLN A 25 2.79 10.40 -12.61
C GLN A 25 1.55 10.03 -11.80
N ALA A 26 1.12 8.78 -11.97
CA ALA A 26 -0.04 8.24 -11.24
C ALA A 26 0.19 8.44 -9.73
N ALA A 27 1.31 7.96 -9.22
CA ALA A 27 1.65 8.08 -7.78
C ALA A 27 1.57 9.51 -7.27
N ASN A 28 2.07 10.46 -8.05
CA ASN A 28 2.00 11.90 -7.70
C ASN A 28 0.56 12.36 -7.46
N GLY A 29 -0.39 11.82 -8.21
CA GLY A 29 -1.81 12.12 -8.01
C GLY A 29 -2.24 11.78 -6.59
N ARG A 30 -1.98 10.53 -6.21
CA ARG A 30 -2.25 10.00 -4.87
C ARG A 30 -1.60 10.81 -3.74
N PHE A 31 -0.36 11.23 -3.94
CA PHE A 31 0.35 12.06 -2.98
C PHE A 31 -0.17 13.50 -2.97
N GLN A 32 -0.42 14.10 -4.14
CA GLN A 32 -1.00 15.45 -4.22
C GLN A 32 -2.38 15.49 -3.54
N ARG A 33 -3.10 14.37 -3.60
CA ARG A 33 -4.48 14.30 -3.13
C ARG A 33 -4.60 14.04 -1.62
N ALA A 34 -3.49 13.62 -1.00
CA ALA A 34 -3.48 13.22 0.40
C ALA A 34 -3.99 14.31 1.35
N THR A 35 -3.69 15.58 1.08
CA THR A 35 -4.11 16.63 1.97
C THR A 35 -5.63 16.70 2.14
N ALA A 36 -6.36 16.72 1.03
CA ALA A 36 -7.83 16.77 1.09
C ALA A 36 -8.38 15.51 1.76
N SER A 37 -7.83 14.36 1.36
CA SER A 37 -8.25 13.06 1.87
C SER A 37 -8.11 13.06 3.37
N MET A 38 -6.95 13.45 3.85
CA MET A 38 -6.61 13.37 5.27
C MET A 38 -7.32 14.39 6.15
N GLU A 39 -7.78 15.47 5.55
CA GLU A 39 -8.63 16.42 6.23
C GLU A 39 -10.01 15.81 6.43
N ALA A 40 -10.51 15.15 5.40
CA ALA A 40 -11.77 14.45 5.51
C ALA A 40 -11.63 13.40 6.61
N ALA A 41 -10.52 12.67 6.59
CA ALA A 41 -10.26 11.62 7.56
C ALA A 41 -10.28 12.12 9.01
N ARG A 42 -9.63 13.24 9.27
CA ARG A 42 -9.59 13.81 10.62
C ARG A 42 -10.94 14.27 11.09
N ALA A 43 -11.72 14.87 10.19
CA ALA A 43 -13.06 15.35 10.56
C ALA A 43 -13.99 14.17 10.83
N LEU A 44 -14.02 13.19 9.93
CA LEU A 44 -14.79 11.96 10.17
C LEU A 44 -14.34 11.21 11.42
N THR A 45 -13.04 11.27 11.73
CA THR A 45 -12.50 10.59 12.91
C THR A 45 -12.99 11.16 14.23
N SER A 46 -12.95 12.48 14.39
CA SER A 46 -13.30 13.08 15.67
C SER A 46 -14.83 13.17 15.89
N ASN A 47 -15.60 13.31 14.80
CA ASN A 47 -17.07 13.28 14.82
C ASN A 47 -17.67 11.87 14.82
N ALA A 48 -16.82 10.85 14.78
CA ALA A 48 -17.28 9.48 14.64
C ALA A 48 -18.42 9.19 15.60
N ASP A 49 -18.18 9.37 16.89
CA ASP A 49 -19.18 9.14 17.93
C ASP A 49 -20.57 9.60 17.54
N SER A 50 -20.71 10.87 17.17
CA SER A 50 -22.03 11.43 16.86
C SER A 50 -22.55 11.03 15.45
N LEU A 51 -21.65 10.96 14.47
CA LEU A 51 -22.04 10.48 13.15
C LEU A 51 -22.69 9.10 13.29
N VAL A 52 -22.11 8.24 14.11
CA VAL A 52 -22.67 6.91 14.34
C VAL A 52 -24.02 6.96 15.04
N LYS A 53 -24.13 7.66 16.16
CA LYS A 53 -25.44 7.78 16.85
C LYS A 53 -26.51 8.43 16.00
N GLY A 54 -26.12 9.41 15.17
CA GLY A 54 -27.04 10.07 14.24
C GLY A 54 -27.60 9.11 13.21
N ALA A 55 -26.72 8.37 12.56
CA ALA A 55 -27.13 7.37 11.56
C ALA A 55 -27.92 6.20 12.16
N VAL A 56 -27.49 5.68 13.31
CA VAL A 56 -28.24 4.61 13.99
C VAL A 56 -29.68 5.02 14.21
N GLN A 57 -29.87 6.22 14.75
CA GLN A 57 -31.21 6.68 15.07
C GLN A 57 -32.02 6.79 13.79
N GLU A 58 -31.37 7.26 12.73
CA GLU A 58 -32.06 7.56 11.48
C GLU A 58 -32.58 6.28 10.86
N VAL A 59 -31.85 5.20 11.06
CA VAL A 59 -32.36 3.91 10.65
C VAL A 59 -33.70 3.61 11.35
N TYR A 60 -33.83 3.91 12.64
CA TYR A 60 -35.10 3.68 13.34
C TYR A 60 -36.18 4.69 12.96
N ASN A 61 -35.81 5.95 12.77
CA ASN A 61 -36.77 6.97 12.35
C ASN A 61 -37.31 6.73 10.93
N LYS A 62 -36.48 6.21 10.04
CA LYS A 62 -36.94 5.87 8.68
C LYS A 62 -37.65 4.51 8.64
N PHE A 63 -37.29 3.59 9.53
CA PHE A 63 -37.99 2.30 9.61
C PHE A 63 -38.58 2.10 11.00
N PRO A 64 -39.57 2.94 11.35
CA PRO A 64 -40.10 3.01 12.71
C PRO A 64 -40.31 1.64 13.33
N TYR A 65 -40.91 0.74 12.57
CA TYR A 65 -41.29 -0.60 13.03
C TYR A 65 -40.11 -1.42 13.56
N LEU A 66 -38.92 -1.17 13.08
CA LEU A 66 -37.75 -1.88 13.58
C LEU A 66 -37.64 -1.87 15.14
N THR A 67 -38.04 -0.76 15.77
CA THR A 67 -37.91 -0.60 17.24
C THR A 67 -39.05 -1.22 18.07
N GLN A 68 -40.02 -1.85 17.42
CA GLN A 68 -41.09 -2.56 18.16
C GLN A 68 -40.60 -3.95 18.63
N PRO A 69 -41.23 -4.54 19.66
CA PRO A 69 -40.78 -5.88 20.11
C PRO A 69 -40.90 -6.96 19.02
N GLY A 70 -40.04 -7.99 19.09
CA GLY A 70 -40.02 -9.05 18.05
C GLY A 70 -39.28 -8.66 16.78
N GLN A 71 -38.72 -7.46 16.77
CA GLN A 71 -38.09 -6.89 15.59
C GLN A 71 -36.58 -6.73 15.80
N MET A 72 -35.87 -6.37 14.73
CA MET A 72 -34.42 -6.39 14.76
C MET A 72 -33.75 -5.09 15.16
N GLY A 73 -34.56 -4.06 15.43
CA GLY A 73 -34.07 -2.84 16.08
C GLY A 73 -34.50 -2.75 17.54
N TYR A 74 -34.72 -3.90 18.18
CA TYR A 74 -35.21 -3.95 19.58
C TYR A 74 -34.24 -4.67 20.50
N GLY A 75 -34.14 -4.17 21.72
CA GLY A 75 -33.26 -4.76 22.70
C GLY A 75 -31.83 -4.27 22.55
N ASP A 76 -31.10 -4.35 23.64
CA ASP A 76 -29.79 -3.71 23.73
C ASP A 76 -28.82 -4.25 22.67
N THR A 77 -28.97 -5.53 22.33
CA THR A 77 -27.96 -6.25 21.57
C THR A 77 -28.02 -5.95 20.09
N ASN A 78 -29.23 -5.88 19.57
CA ASN A 78 -29.45 -5.44 18.19
C ASN A 78 -28.99 -3.99 18.01
N GLN A 79 -29.54 -3.10 18.82
CA GLN A 79 -29.14 -1.68 18.78
C GLN A 79 -27.64 -1.48 19.04
N ALA A 80 -27.03 -2.33 19.88
CA ALA A 80 -25.59 -2.27 20.06
C ALA A 80 -24.85 -2.70 18.78
N LYS A 81 -25.29 -3.80 18.17
CA LYS A 81 -24.57 -4.35 17.03
C LYS A 81 -24.73 -3.47 15.80
N CYS A 82 -25.76 -2.65 15.82
CA CYS A 82 -26.01 -1.71 14.76
C CYS A 82 -25.02 -0.56 14.81
N ALA A 83 -24.97 0.15 15.95
CA ALA A 83 -23.99 1.19 16.14
C ALA A 83 -22.61 0.69 15.70
N ARG A 84 -22.25 -0.50 16.17
CA ARG A 84 -20.97 -1.10 15.84
C ARG A 84 -20.76 -1.19 14.34
N ASP A 85 -21.77 -1.70 13.64
CA ASP A 85 -21.67 -1.88 12.21
C ASP A 85 -21.51 -0.58 11.45
N ILE A 86 -22.28 0.44 11.78
CA ILE A 86 -22.08 1.73 11.13
C ILE A 86 -20.68 2.23 11.48
N SER A 87 -20.27 2.05 12.72
CA SER A 87 -18.92 2.43 13.11
C SER A 87 -17.89 1.69 12.26
N HIS A 88 -18.10 0.42 11.98
CA HIS A 88 -17.20 -0.27 11.06
C HIS A 88 -17.13 0.47 9.73
N TYR A 89 -18.29 0.83 9.16
CA TYR A 89 -18.28 1.51 7.87
C TYR A 89 -17.54 2.83 7.92
N LEU A 90 -17.81 3.66 8.92
CA LEU A 90 -17.11 4.93 8.99
C LEU A 90 -15.60 4.68 9.16
N ARG A 91 -15.26 3.65 9.92
CA ARG A 91 -13.86 3.35 10.12
C ARG A 91 -13.18 3.04 8.80
N PHE A 92 -13.81 2.24 7.96
CA PHE A 92 -13.17 1.87 6.73
C PHE A 92 -13.16 2.98 5.71
N ILE A 93 -14.13 3.90 5.83
CA ILE A 93 -14.16 5.09 5.02
C ILE A 93 -12.93 5.94 5.34
N THR A 94 -12.67 6.18 6.61
CA THR A 94 -11.48 6.92 6.99
C THR A 94 -10.24 6.19 6.50
N TYR A 95 -10.22 4.86 6.58
CA TYR A 95 -9.06 4.11 6.10
C TYR A 95 -8.88 4.30 4.59
N SER A 96 -9.96 4.13 3.85
CA SER A 96 -9.91 4.35 2.43
C SER A 96 -9.45 5.80 2.10
N LEU A 97 -9.88 6.78 2.90
CA LEU A 97 -9.44 8.16 2.69
C LEU A 97 -7.91 8.26 2.85
N VAL A 98 -7.43 7.72 3.96
CA VAL A 98 -6.01 7.77 4.29
C VAL A 98 -5.17 6.94 3.32
N ALA A 99 -5.72 5.85 2.82
CA ALA A 99 -4.93 4.88 2.04
C ALA A 99 -4.74 5.30 0.59
N GLY A 100 -5.67 6.10 0.07
CA GLY A 100 -5.61 6.53 -1.32
C GLY A 100 -6.26 5.52 -2.25
N GLY A 101 -7.36 4.93 -1.81
CA GLY A 101 -8.07 3.94 -2.63
C GLY A 101 -9.13 3.18 -1.86
N THR A 102 -9.87 2.35 -2.57
CA THR A 102 -11.02 1.68 -1.99
C THR A 102 -10.65 0.36 -1.29
N GLY A 103 -9.36 0.01 -1.34
CA GLY A 103 -8.88 -1.25 -0.84
C GLY A 103 -9.50 -1.67 0.47
N PRO A 104 -9.39 -0.81 1.51
CA PRO A 104 -9.88 -1.20 2.83
C PRO A 104 -11.35 -1.53 2.80
N LEU A 105 -12.12 -0.75 2.04
CA LEU A 105 -13.53 -1.04 1.84
C LEU A 105 -13.74 -2.33 1.06
N ASP A 106 -13.03 -2.49 -0.04
CA ASP A 106 -13.15 -3.73 -0.83
C ASP A 106 -12.83 -5.00 -0.01
N ASP A 107 -11.74 -4.97 0.75
CA ASP A 107 -11.26 -6.17 1.44
C ASP A 107 -12.01 -6.49 2.75
N TYR A 108 -12.47 -5.48 3.47
CA TYR A 108 -13.02 -5.71 4.78
C TYR A 108 -14.54 -5.57 4.87
N ILE A 109 -15.18 -4.89 3.92
CA ILE A 109 -16.64 -4.78 3.93
C ILE A 109 -17.33 -5.28 2.65
N VAL A 110 -16.81 -4.92 1.48
CA VAL A 110 -17.47 -5.33 0.25
C VAL A 110 -17.31 -6.85 0.01
N ALA A 111 -16.10 -7.39 0.00
CA ALA A 111 -15.95 -8.83 -0.25
C ALA A 111 -16.81 -9.57 0.77
N GLY A 112 -17.81 -10.31 0.31
CA GLY A 112 -18.69 -11.11 1.20
C GLY A 112 -19.97 -10.47 1.75
N LEU A 113 -20.12 -9.18 1.54
CA LEU A 113 -21.22 -8.40 2.10
C LEU A 113 -22.60 -9.04 1.95
N ARG A 114 -22.99 -9.33 0.72
CA ARG A 114 -24.32 -9.83 0.48
C ARG A 114 -24.56 -11.17 1.10
N GLU A 115 -23.59 -12.07 1.04
CA GLU A 115 -23.78 -13.40 1.63
C GLU A 115 -24.06 -13.27 3.11
N VAL A 116 -23.27 -12.43 3.78
CA VAL A 116 -23.42 -12.24 5.20
C VAL A 116 -24.78 -11.62 5.49
N ASN A 117 -25.10 -10.53 4.81
CA ASN A 117 -26.35 -9.83 5.09
C ASN A 117 -27.56 -10.73 4.85
N ARG A 118 -27.49 -11.57 3.83
CA ARG A 118 -28.57 -12.47 3.46
C ARG A 118 -28.76 -13.59 4.52
N THR A 119 -27.67 -14.15 5.05
CA THR A 119 -27.75 -15.20 6.12
C THR A 119 -28.28 -14.66 7.44
N PHE A 120 -27.97 -13.40 7.72
CA PHE A 120 -28.32 -12.78 8.99
C PHE A 120 -29.59 -11.92 8.96
N ASN A 121 -30.27 -11.92 7.81
CA ASN A 121 -31.50 -11.11 7.61
C ASN A 121 -31.31 -9.62 7.86
N LEU A 122 -30.19 -9.08 7.38
CA LEU A 122 -29.88 -7.66 7.42
C LEU A 122 -30.19 -7.00 6.10
N SER A 123 -31.13 -6.06 6.08
CA SER A 123 -31.49 -5.36 4.85
C SER A 123 -30.49 -4.26 4.53
N PRO A 124 -29.97 -4.27 3.29
CA PRO A 124 -29.12 -3.16 2.86
C PRO A 124 -29.75 -1.80 3.00
N SER A 125 -31.07 -1.73 2.91
CA SER A 125 -31.76 -0.46 2.95
C SER A 125 -31.42 0.33 4.20
N TRP A 126 -31.30 -0.36 5.33
CA TRP A 126 -30.94 0.30 6.57
C TRP A 126 -29.59 0.96 6.36
N TYR A 127 -28.64 0.18 5.87
CA TYR A 127 -27.26 0.63 5.78
C TYR A 127 -27.12 1.78 4.80
N ILE A 128 -27.86 1.72 3.70
CA ILE A 128 -27.91 2.85 2.75
C ILE A 128 -28.46 4.11 3.42
N GLU A 129 -29.45 3.93 4.28
CA GLU A 129 -30.09 5.06 4.93
C GLU A 129 -29.18 5.61 6.03
N ALA A 130 -28.45 4.74 6.70
CA ALA A 130 -27.39 5.19 7.63
C ALA A 130 -26.38 6.07 6.92
N LEU A 131 -25.98 5.64 5.73
CA LEU A 131 -24.95 6.32 4.95
C LEU A 131 -25.46 7.59 4.29
N LYS A 132 -26.71 7.57 3.81
CA LYS A 132 -27.33 8.77 3.27
C LYS A 132 -27.35 9.85 4.35
N HIS A 133 -27.71 9.48 5.58
CA HIS A 133 -27.69 10.43 6.70
C HIS A 133 -26.30 10.93 7.01
N ILE A 134 -25.34 10.02 7.10
CA ILE A 134 -23.96 10.44 7.35
C ILE A 134 -23.52 11.44 6.27
N LYS A 135 -23.96 11.20 5.04
CA LYS A 135 -23.62 12.08 3.91
C LYS A 135 -24.24 13.48 4.08
N GLY A 136 -25.48 13.56 4.57
CA GLY A 136 -26.15 14.84 4.87
C GLY A 136 -25.37 15.71 5.85
N LYS A 137 -24.96 15.11 6.98
CA LYS A 137 -24.24 15.84 8.04
C LYS A 137 -22.80 16.21 7.66
N VAL A 138 -22.10 15.31 6.96
CA VAL A 138 -20.74 15.60 6.48
C VAL A 138 -20.70 16.79 5.49
N GLY A 139 -21.87 17.23 5.02
CA GLY A 139 -21.98 18.47 4.21
C GLY A 139 -21.54 19.76 4.90
N SER A 140 -21.58 19.76 6.22
CA SER A 140 -21.24 20.97 6.99
C SER A 140 -20.01 20.85 7.91
N GLN A 141 -19.41 19.66 7.94
CA GLN A 141 -18.13 19.42 8.60
C GLN A 141 -16.95 19.71 7.63
N LEU A 142 -17.19 19.50 6.33
CA LEU A 142 -16.17 19.67 5.29
C LEU A 142 -16.68 20.48 4.12
N SER A 143 -15.75 20.86 3.25
CA SER A 143 -16.13 21.49 2.00
C SER A 143 -14.98 21.36 1.05
N GLY A 144 -15.19 21.69 -0.22
CA GLY A 144 -14.16 21.58 -1.22
C GLY A 144 -13.72 20.13 -1.36
N GLN A 145 -12.48 19.93 -1.75
CA GLN A 145 -11.97 18.57 -2.06
C GLN A 145 -11.97 17.54 -0.94
N PRO A 146 -11.86 17.96 0.34
CA PRO A 146 -12.17 17.02 1.42
C PRO A 146 -13.61 16.49 1.43
N LEU A 147 -14.59 17.33 1.10
CA LEU A 147 -15.97 16.87 1.02
C LEU A 147 -16.17 15.91 -0.15
N THR A 148 -15.61 16.28 -1.30
CA THR A 148 -15.66 15.42 -2.48
C THR A 148 -15.10 14.03 -2.21
N GLU A 149 -14.03 13.97 -1.43
CA GLU A 149 -13.41 12.70 -1.04
C GLU A 149 -14.32 11.91 -0.12
N ALA A 150 -14.82 12.57 0.92
CA ALA A 150 -15.74 11.93 1.84
C ALA A 150 -16.92 11.36 1.07
N ASN A 151 -17.47 12.17 0.19
CA ASN A 151 -18.59 11.76 -0.67
C ASN A 151 -18.28 10.57 -1.55
N ALA A 152 -17.13 10.63 -2.22
CA ALA A 152 -16.68 9.55 -3.08
C ALA A 152 -16.81 8.24 -2.35
N TYR A 153 -16.27 8.16 -1.13
CA TYR A 153 -16.27 6.89 -0.42
C TYR A 153 -17.63 6.52 0.18
N ILE A 154 -18.40 7.49 0.63
CA ILE A 154 -19.73 7.17 1.16
C ILE A 154 -20.57 6.61 0.04
N ASP A 155 -20.61 7.32 -1.09
CA ASP A 155 -21.32 6.84 -2.27
C ASP A 155 -20.84 5.45 -2.73
N TYR A 156 -19.56 5.15 -2.52
CA TYR A 156 -19.00 3.88 -2.97
C TYR A 156 -19.63 2.76 -2.17
N CYS A 157 -19.83 3.00 -0.88
CA CYS A 157 -20.49 2.04 -0.02
C CYS A 157 -21.95 1.90 -0.44
N ILE A 158 -22.65 3.01 -0.70
CA ILE A 158 -24.05 2.91 -1.09
C ILE A 158 -24.20 2.09 -2.37
N ASN A 159 -23.31 2.27 -3.35
CA ASN A 159 -23.37 1.44 -4.59
C ASN A 159 -23.03 -0.04 -4.34
N ALA A 160 -22.06 -0.30 -3.50
CA ALA A 160 -21.79 -1.67 -3.05
C ALA A 160 -23.05 -2.33 -2.46
N LEU A 161 -23.93 -1.57 -1.82
CA LEU A 161 -25.14 -2.15 -1.20
C LEU A 161 -26.37 -2.15 -2.11
N SER A 162 -26.26 -1.61 -3.32
CA SER A 162 -27.39 -1.65 -4.29
C SER A 162 -27.07 -2.59 -5.46
N MET B 1 -1.09 -6.88 -1.32
CA MET B 1 0.16 -6.09 -1.22
C MET B 1 0.02 -4.88 -0.30
N GLN B 2 1.06 -4.57 0.46
CA GLN B 2 1.04 -3.42 1.37
C GLN B 2 1.87 -2.26 0.85
N ASP B 3 1.46 -1.06 1.19
CA ASP B 3 2.34 0.10 1.15
C ASP B 3 2.35 0.67 2.56
N ALA B 4 3.02 1.81 2.76
CA ALA B 4 3.28 2.28 4.13
C ALA B 4 1.96 2.69 4.83
N PHE B 5 0.97 3.08 4.03
CA PHE B 5 -0.34 3.51 4.55
C PHE B 5 -1.16 2.30 4.91
N THR B 6 -1.26 1.40 3.94
CA THR B 6 -1.91 0.14 4.13
C THR B 6 -1.40 -0.57 5.38
N LYS B 7 -0.10 -0.48 5.63
CA LYS B 7 0.46 -1.11 6.84
C LYS B 7 -0.13 -0.46 8.09
N ALA B 8 -0.14 0.87 8.11
CA ALA B 8 -0.75 1.59 9.21
C ALA B 8 -2.17 1.09 9.43
N ILE B 9 -2.96 1.06 8.36
CA ILE B 9 -4.36 0.66 8.42
C ILE B 9 -4.60 -0.74 9.01
N VAL B 10 -3.77 -1.70 8.61
CA VAL B 10 -3.86 -3.08 9.13
C VAL B 10 -3.62 -3.11 10.65
N ALA B 11 -2.62 -2.37 11.13
CA ALA B 11 -2.31 -2.32 12.58
C ALA B 11 -3.43 -1.62 13.38
N ALA B 12 -3.98 -0.55 12.82
CA ALA B 12 -5.12 0.15 13.42
C ALA B 12 -6.33 -0.76 13.56
N ASP B 13 -6.64 -1.47 12.48
CA ASP B 13 -7.79 -2.37 12.43
C ASP B 13 -7.66 -3.47 13.47
N LEU B 14 -6.45 -3.97 13.67
CA LEU B 14 -6.21 -5.02 14.67
C LEU B 14 -6.45 -4.53 16.08
N ARG B 15 -6.42 -3.22 16.28
CA ARG B 15 -6.91 -2.60 17.53
C ARG B 15 -8.41 -2.32 17.54
N GLY B 16 -9.05 -2.31 16.37
CA GLY B 16 -10.46 -1.95 16.25
C GLY B 16 -10.67 -0.45 16.30
N SER B 17 -9.70 0.31 15.78
CA SER B 17 -9.59 1.74 16.00
C SER B 17 -9.39 2.57 14.73
N PHE B 18 -9.82 3.83 14.78
CA PHE B 18 -9.48 4.80 13.75
C PHE B 18 -8.02 5.14 13.97
N LEU B 19 -7.32 5.53 12.92
CA LEU B 19 -5.87 5.73 13.02
C LEU B 19 -5.49 6.71 14.12
N SER B 20 -4.47 6.38 14.89
CA SER B 20 -3.99 7.29 15.93
C SER B 20 -3.35 8.53 15.31
N GLU B 21 -3.61 9.68 15.92
CA GLU B 21 -2.88 10.94 15.63
C GLU B 21 -1.36 10.74 15.54
N GLN B 22 -0.84 9.80 16.33
CA GLN B 22 0.53 9.30 16.15
C GLN B 22 0.72 8.88 14.68
N GLU B 23 0.00 7.83 14.27
CA GLU B 23 0.14 7.24 12.94
C GLU B 23 -0.21 8.24 11.83
N LEU B 24 -1.21 9.08 12.05
CA LEU B 24 -1.62 10.06 11.05
C LEU B 24 -0.44 10.93 10.61
N ASN B 25 0.31 11.47 11.55
CA ASN B 25 1.36 12.40 11.23
C ASN B 25 2.62 11.73 10.66
N GLN B 26 2.88 10.50 11.06
CA GLN B 26 3.92 9.69 10.42
C GLN B 26 3.67 9.57 8.91
N LEU B 27 2.40 9.33 8.55
CA LEU B 27 1.95 9.29 7.15
C LEU B 27 1.90 10.66 6.47
N THR B 28 1.60 11.71 7.24
CA THR B 28 1.66 13.08 6.70
C THR B 28 3.09 13.40 6.30
N ASN B 29 4.04 12.87 7.05
CA ASN B 29 5.45 13.10 6.75
C ASN B 29 5.87 12.36 5.49
N LEU B 30 5.33 11.15 5.28
CA LEU B 30 5.63 10.40 4.07
C LEU B 30 5.12 11.17 2.84
N VAL B 31 3.97 11.82 2.97
CA VAL B 31 3.48 12.64 1.90
C VAL B 31 4.38 13.84 1.76
N LYS B 32 4.89 14.34 2.88
CA LYS B 32 5.78 15.48 2.83
C LYS B 32 7.03 15.16 2.00
N GLU B 33 7.59 13.97 2.14
CA GLU B 33 8.85 13.65 1.46
C GLU B 33 8.66 12.93 0.11
N SER B 34 7.44 12.95 -0.42
CA SER B 34 7.12 12.07 -1.56
C SER B 34 7.74 12.49 -2.89
N ASN B 35 7.95 13.78 -3.11
CA ASN B 35 8.68 14.21 -4.28
C ASN B 35 10.11 13.65 -4.30
N LYS B 36 10.76 13.68 -3.15
CA LYS B 36 12.08 13.12 -3.04
C LYS B 36 12.02 11.63 -3.34
N ARG B 37 10.96 10.97 -2.87
CA ARG B 37 10.80 9.52 -3.05
C ARG B 37 10.68 9.18 -4.54
N LEU B 38 9.84 9.93 -5.24
CA LEU B 38 9.70 9.80 -6.66
C LEU B 38 11.03 9.99 -7.41
N ASP B 39 11.84 10.95 -6.99
CA ASP B 39 13.17 11.11 -7.61
C ASP B 39 14.09 9.90 -7.33
N ALA B 40 13.92 9.32 -6.16
CA ALA B 40 14.75 8.20 -5.75
C ALA B 40 14.38 6.96 -6.55
N VAL B 41 13.09 6.69 -6.67
CA VAL B 41 12.64 5.60 -7.53
C VAL B 41 13.04 5.90 -8.96
N ASN B 42 12.88 7.14 -9.38
CA ASN B 42 13.28 7.50 -10.76
C ASN B 42 14.77 7.32 -10.99
N ALA B 43 15.60 7.58 -9.97
CA ALA B 43 17.04 7.39 -10.11
C ALA B 43 17.37 5.93 -10.48
N ILE B 44 16.64 4.99 -9.90
CA ILE B 44 16.92 3.59 -10.15
C ILE B 44 16.42 3.17 -11.49
N THR B 45 15.18 3.54 -11.83
CA THR B 45 14.61 3.19 -13.11
C THR B 45 15.45 3.69 -14.27
N GLY B 46 15.89 4.95 -14.16
CA GLY B 46 16.63 5.64 -15.21
C GLY B 46 18.03 5.09 -15.44
N ASN B 47 18.51 4.26 -14.53
CA ASN B 47 19.86 3.67 -14.65
C ASN B 47 19.86 2.17 -14.40
N ALA B 48 18.70 1.54 -14.54
CA ALA B 48 18.57 0.13 -14.21
C ALA B 48 19.64 -0.67 -14.95
N ALA B 49 19.67 -0.53 -16.28
CA ALA B 49 20.61 -1.33 -17.06
C ALA B 49 22.04 -1.15 -16.54
N GLU B 50 22.52 0.08 -16.43
CA GLU B 50 23.89 0.30 -15.92
C GLU B 50 24.09 -0.23 -14.53
N ILE B 51 23.08 -0.12 -13.66
CA ILE B 51 23.23 -0.61 -12.27
C ILE B 51 23.50 -2.10 -12.31
N ILE B 52 22.73 -2.84 -13.13
CA ILE B 52 22.93 -4.28 -13.26
C ILE B 52 24.27 -4.58 -13.93
N SER B 53 24.53 -3.92 -15.05
CA SER B 53 25.78 -4.11 -15.77
C SER B 53 27.00 -3.88 -14.87
N ASP B 54 27.04 -2.71 -14.22
CA ASP B 54 28.17 -2.37 -13.38
C ASP B 54 28.33 -3.31 -12.19
N ALA B 55 27.21 -3.74 -11.61
CA ALA B 55 27.27 -4.68 -10.51
C ALA B 55 27.92 -5.93 -11.05
N ALA B 56 27.49 -6.34 -12.24
CA ALA B 56 27.90 -7.59 -12.91
C ALA B 56 29.40 -7.65 -13.21
N HIS B 57 29.86 -6.72 -14.07
CA HIS B 57 31.30 -6.51 -14.32
C HIS B 57 32.13 -6.69 -13.03
N LYS B 58 31.73 -5.98 -11.98
CA LYS B 58 32.43 -6.08 -10.69
C LYS B 58 32.27 -7.46 -9.99
N LEU B 59 31.10 -8.10 -10.08
CA LEU B 59 30.93 -9.42 -9.44
C LEU B 59 31.91 -10.43 -10.01
N PHE B 60 32.07 -10.39 -11.34
CA PHE B 60 32.90 -11.38 -12.01
C PHE B 60 34.37 -11.01 -12.02
N ALA B 61 34.66 -9.72 -11.91
CA ALA B 61 35.99 -9.24 -11.57
C ALA B 61 36.45 -9.90 -10.27
N GLU B 62 35.61 -9.95 -9.24
CA GLU B 62 35.97 -10.52 -7.94
C GLU B 62 36.01 -12.05 -7.91
N GLN B 63 35.07 -12.65 -8.62
CA GLN B 63 34.80 -14.08 -8.50
C GLN B 63 34.94 -14.69 -9.88
N THR B 64 36.17 -14.86 -10.31
CA THR B 64 36.45 -15.29 -11.66
C THR B 64 36.14 -16.76 -11.85
N ASP B 65 35.73 -17.43 -10.78
CA ASP B 65 35.35 -18.87 -10.83
C ASP B 65 33.98 -19.09 -11.43
N LEU B 66 33.13 -18.09 -11.30
CA LEU B 66 31.78 -18.19 -11.78
C LEU B 66 31.77 -18.25 -13.31
N ILE B 67 32.80 -17.71 -13.96
CA ILE B 67 32.80 -17.63 -15.42
C ILE B 67 33.75 -18.65 -16.02
N ARG B 68 34.27 -19.54 -15.18
CA ARG B 68 34.98 -20.71 -15.67
C ARG B 68 33.99 -21.84 -15.85
N PRO B 69 34.33 -22.81 -16.70
CA PRO B 69 33.51 -24.02 -16.75
C PRO B 69 33.50 -24.67 -15.39
N GLY B 70 32.32 -25.08 -14.94
CA GLY B 70 32.14 -25.53 -13.55
C GLY B 70 31.49 -24.45 -12.73
N GLY B 71 31.51 -23.22 -13.23
CA GLY B 71 31.03 -22.05 -12.50
C GLY B 71 29.59 -21.73 -12.83
N ASN B 72 28.90 -21.12 -11.87
CA ASN B 72 27.47 -20.97 -11.95
C ASN B 72 26.97 -19.84 -12.86
N ALA B 73 27.88 -19.01 -13.36
CA ALA B 73 27.54 -18.03 -14.39
C ALA B 73 28.16 -18.41 -15.75
N TYR B 74 28.33 -19.70 -15.98
CA TYR B 74 28.84 -20.26 -17.26
C TYR B 74 27.89 -21.36 -17.70
N PRO B 75 27.58 -21.50 -18.97
CA PRO B 75 27.86 -20.80 -20.20
C PRO B 75 26.85 -19.66 -20.39
N ASN B 76 26.54 -19.28 -21.63
CA ASN B 76 25.74 -18.08 -21.85
C ASN B 76 24.38 -18.18 -21.19
N ARG B 77 23.74 -19.34 -21.30
CA ARG B 77 22.46 -19.57 -20.67
C ARG B 77 22.45 -19.18 -19.18
N ARG B 78 23.47 -19.58 -18.43
CA ARG B 78 23.51 -19.33 -17.00
C ARG B 78 23.81 -17.88 -16.68
N MET B 79 24.70 -17.28 -17.45
CA MET B 79 24.98 -15.86 -17.30
C MET B 79 23.70 -15.05 -17.55
N ALA B 80 22.90 -15.42 -18.54
CA ALA B 80 21.67 -14.69 -18.81
C ALA B 80 20.65 -14.84 -17.66
N ALA B 81 20.66 -15.99 -17.01
CA ALA B 81 19.80 -16.25 -15.88
C ALA B 81 20.25 -15.37 -14.70
N CYS B 82 21.56 -15.36 -14.46
CA CYS B 82 22.13 -14.52 -13.42
C CYS B 82 21.88 -13.04 -13.68
N LEU B 83 22.09 -12.57 -14.91
CA LEU B 83 21.76 -11.18 -15.23
C LEU B 83 20.30 -10.92 -15.04
N ARG B 84 19.45 -11.88 -15.39
CA ARG B 84 18.00 -11.71 -15.23
C ARG B 84 17.61 -11.57 -13.77
N ASP B 85 18.19 -12.38 -12.88
CA ASP B 85 17.92 -12.32 -11.43
C ASP B 85 18.38 -11.01 -10.82
N MET B 86 19.48 -10.48 -11.31
CA MET B 86 19.93 -9.19 -10.83
C MET B 86 18.85 -8.18 -11.13
N GLU B 87 18.24 -8.27 -12.32
CA GLU B 87 17.22 -7.30 -12.70
C GLU B 87 15.97 -7.48 -11.88
N ILE B 88 15.54 -8.72 -11.72
CA ILE B 88 14.34 -9.01 -10.92
C ILE B 88 14.46 -8.41 -9.52
N ILE B 89 15.60 -8.60 -8.86
CA ILE B 89 15.76 -8.11 -7.48
C ILE B 89 15.80 -6.60 -7.44
N LEU B 90 16.52 -5.98 -8.39
CA LEU B 90 16.55 -4.53 -8.46
C LEU B 90 15.15 -4.00 -8.70
N ARG B 91 14.35 -4.75 -9.42
CA ARG B 91 13.00 -4.31 -9.74
C ARG B 91 12.08 -4.26 -8.50
N TYR B 92 12.06 -5.35 -7.73
CA TYR B 92 11.28 -5.42 -6.48
C TYR B 92 11.79 -4.49 -5.40
N VAL B 93 13.08 -4.13 -5.45
CA VAL B 93 13.62 -3.13 -4.51
C VAL B 93 13.08 -1.76 -4.85
N SER B 94 13.01 -1.46 -6.14
CA SER B 94 12.42 -0.18 -6.58
C SER B 94 10.93 -0.13 -6.24
N TYR B 95 10.20 -1.23 -6.42
CA TYR B 95 8.79 -1.28 -6.00
C TYR B 95 8.62 -0.98 -4.52
N ALA B 96 9.45 -1.60 -3.68
CA ALA B 96 9.40 -1.37 -2.23
C ALA B 96 9.67 0.10 -1.92
N LEU B 97 10.58 0.70 -2.71
CA LEU B 97 10.95 2.08 -2.50
C LEU B 97 9.81 3.04 -2.88
N LEU B 98 9.00 2.69 -3.87
CA LEU B 98 7.85 3.53 -4.18
C LEU B 98 6.79 3.37 -3.12
N ALA B 99 6.72 2.17 -2.56
CA ALA B 99 5.67 1.80 -1.62
C ALA B 99 5.93 2.28 -0.19
N GLY B 100 7.19 2.42 0.18
CA GLY B 100 7.52 2.69 1.58
C GLY B 100 7.33 1.48 2.47
N ASP B 101 7.35 0.29 1.88
CA ASP B 101 7.22 -0.97 2.63
C ASP B 101 7.86 -2.12 1.85
N ALA B 102 8.51 -3.02 2.60
CA ALA B 102 9.28 -4.11 2.03
C ALA B 102 8.43 -5.29 1.57
N SER B 103 7.13 -5.26 1.77
CA SER B 103 6.37 -6.48 1.70
C SER B 103 6.41 -7.07 0.29
N VAL B 104 6.15 -6.26 -0.73
CA VAL B 104 6.20 -6.78 -2.12
C VAL B 104 7.53 -7.49 -2.40
N LEU B 105 8.62 -6.97 -1.83
CA LEU B 105 9.94 -7.56 -2.00
C LEU B 105 10.04 -8.91 -1.32
N GLU B 106 9.56 -8.98 -0.09
CA GLU B 106 9.62 -10.19 0.74
C GLU B 106 8.67 -11.25 0.20
N ASP B 107 7.47 -10.85 -0.22
CA ASP B 107 6.42 -11.79 -0.61
C ASP B 107 6.57 -12.30 -2.04
N ARG B 108 6.98 -11.45 -2.95
CA ARG B 108 7.03 -11.86 -4.35
C ARG B 108 8.41 -12.27 -4.85
N CYS B 109 9.45 -11.96 -4.08
CA CYS B 109 10.78 -12.17 -4.56
C CYS B 109 11.61 -12.98 -3.57
N LEU B 110 11.69 -12.52 -2.33
CA LEU B 110 12.55 -13.16 -1.35
C LEU B 110 12.01 -14.44 -0.76
N ASN B 111 10.68 -14.62 -0.81
CA ASN B 111 10.08 -15.80 -0.13
C ASN B 111 10.36 -17.08 -0.91
N GLY B 112 11.16 -17.96 -0.30
CA GLY B 112 11.60 -19.20 -0.94
C GLY B 112 12.90 -19.10 -1.74
N LEU B 113 13.37 -17.89 -2.00
CA LEU B 113 14.47 -17.68 -2.93
C LEU B 113 15.75 -18.45 -2.54
N LYS B 114 16.12 -18.39 -1.28
CA LYS B 114 17.33 -19.09 -0.82
C LYS B 114 17.29 -20.59 -1.13
N GLU B 115 16.11 -21.18 -0.95
CA GLU B 115 15.96 -22.61 -1.06
C GLU B 115 15.94 -23.01 -2.54
N THR B 116 15.38 -22.15 -3.38
CA THR B 116 15.54 -22.26 -4.82
C THR B 116 17.03 -22.36 -5.18
N TYR B 117 17.80 -21.34 -4.82
CA TYR B 117 19.23 -21.32 -5.18
C TYR B 117 19.99 -22.54 -4.71
N VAL B 118 19.73 -22.97 -3.47
CA VAL B 118 20.40 -24.16 -2.92
C VAL B 118 19.99 -25.39 -3.74
N ALA B 119 18.72 -25.59 -3.97
CA ALA B 119 18.29 -26.66 -4.90
C ALA B 119 19.07 -26.61 -6.25
N LEU B 120 19.23 -25.41 -6.80
CA LEU B 120 19.92 -25.25 -8.07
C LEU B 120 21.42 -25.40 -8.03
N GLY B 121 22.02 -25.28 -6.85
CA GLY B 121 23.48 -25.24 -6.74
C GLY B 121 24.08 -23.85 -6.99
N THR B 122 23.21 -22.83 -6.99
CA THR B 122 23.63 -21.47 -7.20
C THR B 122 24.24 -20.95 -5.91
N PRO B 123 25.48 -20.42 -5.96
CA PRO B 123 26.15 -20.03 -4.73
C PRO B 123 25.53 -18.77 -4.17
N THR B 124 24.84 -18.92 -3.05
CA THR B 124 24.08 -17.85 -2.49
C THR B 124 24.95 -16.68 -2.04
N ARG B 125 26.17 -16.97 -1.60
CA ARG B 125 27.05 -15.91 -1.15
C ARG B 125 27.45 -15.03 -2.31
N SER B 126 27.60 -15.59 -3.49
CA SER B 126 27.87 -14.79 -4.66
C SER B 126 26.66 -13.94 -5.03
N VAL B 127 25.46 -14.51 -4.94
CA VAL B 127 24.26 -13.75 -5.19
C VAL B 127 24.10 -12.63 -4.19
N ALA B 128 24.40 -12.89 -2.92
CA ALA B 128 24.33 -11.84 -1.92
C ALA B 128 25.24 -10.69 -2.32
N ARG B 129 26.46 -11.02 -2.76
CA ARG B 129 27.44 -9.99 -3.16
C ARG B 129 26.96 -9.15 -4.34
N ALA B 130 26.41 -9.79 -5.35
CA ALA B 130 25.85 -9.08 -6.50
C ALA B 130 24.78 -8.06 -6.06
N VAL B 131 23.98 -8.44 -5.07
CA VAL B 131 23.02 -7.53 -4.46
C VAL B 131 23.72 -6.37 -3.74
N GLN B 132 24.79 -6.66 -2.97
CA GLN B 132 25.57 -5.58 -2.32
C GLN B 132 26.13 -4.59 -3.35
N LEU B 133 26.60 -5.09 -4.50
CA LEU B 133 27.13 -4.19 -5.51
C LEU B 133 26.02 -3.33 -6.13
N MET B 134 24.88 -3.94 -6.45
CA MET B 134 23.73 -3.16 -6.95
C MET B 134 23.37 -2.04 -5.98
N LYS B 135 23.33 -2.34 -4.70
CA LYS B 135 23.10 -1.33 -3.67
C LYS B 135 24.05 -0.14 -3.75
N GLU B 136 25.35 -0.40 -3.83
CA GLU B 136 26.37 0.67 -3.88
C GLU B 136 26.08 1.63 -5.04
N THR B 137 25.91 1.06 -6.23
CA THR B 137 25.69 1.84 -7.44
C THR B 137 24.32 2.51 -7.49
N ALA B 138 23.30 1.79 -7.05
CA ALA B 138 21.93 2.33 -7.04
C ALA B 138 21.89 3.59 -6.18
N ILE B 139 22.36 3.47 -4.94
CA ILE B 139 22.46 4.61 -4.03
C ILE B 139 23.33 5.73 -4.56
N GLY B 140 24.43 5.37 -5.21
CA GLY B 140 25.24 6.33 -5.91
C GLY B 140 24.32 7.20 -6.75
N TYR B 141 23.47 6.56 -7.55
CA TYR B 141 22.58 7.29 -8.44
C TYR B 141 21.50 8.07 -7.72
N VAL B 142 20.98 7.52 -6.63
CA VAL B 142 19.98 8.24 -5.84
C VAL B 142 20.56 9.55 -5.31
N ASN B 143 21.86 9.55 -5.01
CA ASN B 143 22.55 10.70 -4.40
C ASN B 143 23.12 11.73 -5.39
N SER B 144 23.34 11.37 -6.65
CA SER B 144 24.02 12.29 -7.57
C SER B 144 23.42 12.25 -8.99
N PRO B 145 22.22 12.89 -9.19
CA PRO B 145 21.38 12.86 -10.40
C PRO B 145 21.31 14.16 -11.23
N SER B 146 20.50 14.13 -12.29
CA SER B 146 20.41 15.23 -13.27
C SER B 146 19.49 16.39 -12.84
N GLY B 147 20.10 17.49 -12.39
CA GLY B 147 19.36 18.70 -12.10
C GLY B 147 18.15 18.54 -11.18
N VAL B 148 18.25 17.64 -10.21
CA VAL B 148 17.27 17.60 -9.13
C VAL B 148 17.58 18.70 -8.12
N THR B 149 16.52 19.27 -7.54
CA THR B 149 16.67 20.29 -6.51
C THR B 149 17.54 19.76 -5.36
N ARG B 150 18.48 20.59 -4.91
CA ARG B 150 19.38 20.20 -3.83
C ARG B 150 18.67 20.11 -2.48
N GLY B 151 18.94 19.00 -1.79
CA GLY B 151 18.42 18.76 -0.45
C GLY B 151 19.01 17.48 0.12
N ASP B 152 18.38 16.97 1.17
CA ASP B 152 18.89 15.84 1.94
C ASP B 152 18.05 14.59 1.66
N CYS B 153 18.66 13.57 1.07
CA CYS B 153 17.95 12.33 0.74
C CYS B 153 18.42 11.13 1.55
N SER B 154 19.24 11.40 2.56
CA SER B 154 19.79 10.35 3.39
C SER B 154 18.74 9.45 4.03
N ALA B 155 17.61 9.99 4.48
CA ALA B 155 16.57 9.12 5.05
C ALA B 155 16.18 8.05 4.01
N LEU B 156 15.89 8.50 2.77
CA LEU B 156 15.50 7.61 1.66
C LEU B 156 16.64 6.69 1.23
N VAL B 157 17.87 7.18 1.29
CA VAL B 157 19.00 6.35 0.92
C VAL B 157 19.16 5.22 1.92
N ASN B 158 18.91 5.50 3.19
CA ASN B 158 18.93 4.45 4.21
C ASN B 158 17.88 3.39 3.94
N GLU B 159 16.67 3.85 3.66
CA GLU B 159 15.53 2.97 3.53
C GLU B 159 15.76 2.06 2.32
N ALA B 160 16.21 2.64 1.20
CA ALA B 160 16.62 1.85 0.02
C ALA B 160 17.67 0.81 0.39
N ALA B 161 18.65 1.20 1.21
CA ALA B 161 19.69 0.29 1.65
C ALA B 161 19.11 -0.90 2.41
N THR B 162 18.13 -0.65 3.27
CA THR B 162 17.58 -1.74 4.06
C THR B 162 16.88 -2.71 3.16
N TYR B 163 16.35 -2.24 2.02
CA TYR B 163 15.70 -3.17 1.09
C TYR B 163 16.76 -4.01 0.40
N PHE B 164 17.85 -3.39 -0.01
CA PHE B 164 18.98 -4.14 -0.54
C PHE B 164 19.54 -5.10 0.52
N ASP B 165 19.66 -4.62 1.75
CA ASP B 165 20.17 -5.47 2.85
C ASP B 165 19.24 -6.62 3.26
N LYS B 166 17.92 -6.39 3.21
CA LYS B 166 16.93 -7.47 3.40
C LYS B 166 17.17 -8.60 2.42
N ALA B 167 17.23 -8.25 1.14
CA ALA B 167 17.44 -9.20 0.07
C ALA B 167 18.72 -9.97 0.27
N ALA B 168 19.82 -9.26 0.54
CA ALA B 168 21.14 -9.90 0.80
C ALA B 168 21.03 -10.87 1.95
N ALA B 169 20.44 -10.42 3.05
CA ALA B 169 20.40 -11.25 4.24
C ALA B 169 19.58 -12.49 3.92
N SER B 170 18.40 -12.27 3.36
CA SER B 170 17.50 -13.36 3.03
C SER B 170 18.12 -14.48 2.17
N ILE B 171 19.07 -14.10 1.30
CA ILE B 171 19.67 -15.00 0.27
C ILE B 171 20.97 -15.73 0.69
N ALA B 172 21.86 -15.04 1.41
CA ALA B 172 23.22 -15.51 1.68
C ALA B 172 23.25 -16.90 2.35
CHA CYC C . -24.99 -8.74 12.84
NA CYC C . -23.45 -7.56 11.28
C1A CYC C . -23.79 -8.66 11.98
C2A CYC C . -22.84 -9.79 11.81
C3A CYC C . -21.85 -9.27 10.87
C4A CYC C . -22.30 -7.88 10.62
CMA CYC C . -20.65 -10.01 10.35
CAA CYC C . -22.92 -11.19 12.40
CBA CYC C . -21.94 -11.52 13.49
CGA CYC C . -22.48 -10.79 14.66
O1A CYC C . -23.57 -11.19 15.16
O2A CYC C . -21.81 -9.83 15.02
CHB CYC C . -21.60 -6.82 9.82
NB CYC C . -19.29 -7.54 10.36
C1B CYC C . -20.12 -6.67 9.80
C2B CYC C . -19.39 -5.60 9.06
C3B CYC C . -17.97 -5.91 9.23
C4B CYC C . -18.05 -7.13 10.07
CMB CYC C . -19.95 -4.42 8.30
CAB CYC C . -16.81 -5.13 8.70
CBB CYC C . -15.51 -5.59 9.29
OB CYC C . -17.00 -7.77 10.47
NC CYC C . -29.48 -3.94 13.84
C1C CYC C . -30.24 -2.86 14.07
C2C CYC C . -30.19 -2.02 12.84
C3C CYC C . -28.93 -2.47 12.11
C4C CYC C . -28.62 -3.77 12.82
CMC CYC C . -31.46 -2.36 12.07
CAC CYC C . -27.87 -1.41 12.04
CBC CYC C . -28.25 -0.45 10.92
OC CYC C . -30.81 -2.51 15.10
CHD CYC C . -27.63 -4.61 12.40
ND CYC C . -26.17 -6.55 12.44
C1D CYC C . -27.27 -5.93 12.96
C2D CYC C . -28.01 -6.80 13.91
C3D CYC C . -27.17 -7.99 14.01
C4D CYC C . -26.04 -7.72 13.09
CMD CYC C . -29.26 -6.57 14.70
CAD CYC C . -27.40 -9.21 14.83
CBD CYC C . -27.88 -10.27 13.84
CGD CYC C . -28.03 -11.62 14.51
O1D CYC C . -27.04 -12.28 14.92
O2D CYC C . -29.20 -12.01 14.63
CHA CYC D . 18.05 -19.64 -11.96
NA CYC D . 16.73 -18.06 -10.58
C1A CYC D . 16.80 -19.20 -11.29
C2A CYC D . 15.51 -19.92 -11.35
C3A CYC D . 14.59 -19.10 -10.54
C4A CYC D . 15.46 -17.98 -10.13
CMA CYC D . 13.13 -19.38 -10.25
CAA CYC D . 15.19 -21.23 -12.03
CBA CYC D . 14.31 -20.99 -13.24
CGA CYC D . 15.14 -20.36 -14.35
O1A CYC D . 16.33 -20.71 -14.56
O2A CYC D . 14.54 -19.51 -15.04
CHB CYC D . 15.09 -16.76 -9.40
NB CYC D . 12.82 -16.53 -10.37
C1B CYC D . 13.81 -16.04 -9.61
C2B CYC D . 13.48 -14.76 -8.93
C3B CYC D . 12.09 -14.52 -9.36
C4B CYC D . 11.82 -15.66 -10.22
CMB CYC D . 14.34 -13.92 -8.04
CAB CYC D . 11.15 -13.40 -9.02
CBB CYC D . 10.07 -14.03 -8.20
OB CYC D . 10.70 -15.80 -10.81
NC CYC D . 24.15 -17.35 -10.95
C1C CYC D . 25.33 -17.04 -10.40
C2C CYC D . 25.24 -15.73 -9.67
C3C CYC D . 23.76 -15.40 -9.79
C4C CYC D . 23.17 -16.55 -10.58
CMC CYC D . 25.79 -15.88 -8.25
CAC CYC D . 23.55 -14.07 -10.51
CBC CYC D . 23.93 -12.90 -9.63
OC CYC D . 26.36 -17.70 -10.44
CHD CYC D . 21.84 -16.66 -10.88
ND CYC D . 19.83 -17.97 -11.30
C1D CYC D . 21.15 -17.79 -11.58
C2D CYC D . 21.67 -18.84 -12.49
C3D CYC D . 20.50 -19.70 -12.74
C4D CYC D . 19.41 -19.06 -11.99
CMD CYC D . 23.01 -19.06 -13.08
CAD CYC D . 20.43 -20.93 -13.61
CBD CYC D . 20.80 -22.18 -12.81
CGD CYC D . 20.82 -23.39 -13.73
O1D CYC D . 19.84 -23.64 -14.46
O2D CYC D . 21.81 -24.11 -13.69
CHA CYC E . 11.86 18.21 -5.18
NA CYC E . 11.12 16.53 -6.85
C1A CYC E . 10.93 17.69 -6.19
C2A CYC E . 9.70 18.41 -6.56
C3A CYC E . 9.08 17.55 -7.57
C4A CYC E . 10.03 16.41 -7.66
CMA CYC E . 7.79 17.82 -8.29
CAA CYC E . 9.18 19.73 -6.03
CBA CYC E . 9.54 20.83 -7.04
CGA CYC E . 11.04 21.13 -6.98
O1A CYC E . 11.72 20.88 -8.01
O2A CYC E . 11.53 21.63 -5.94
CHB CYC E . 9.97 15.17 -8.48
NB CYC E . 7.52 15.01 -9.05
C1B CYC E . 8.78 14.51 -9.05
C2B CYC E . 8.92 13.23 -9.79
C3B CYC E . 7.55 12.95 -10.25
C4B CYC E . 6.80 14.11 -9.74
CMB CYC E . 10.17 12.45 -9.99
CAB CYC E . 7.02 11.79 -11.05
CBB CYC E . 7.06 12.17 -12.52
OB CYC E . 5.53 14.20 -9.98
NC CYC E . 17.73 16.08 -3.70
C1C CYC E . 19.03 15.80 -3.65
C2C CYC E . 19.25 14.36 -4.01
C3C CYC E . 17.85 13.89 -4.45
C4C CYC E . 16.99 15.11 -4.22
CMC CYC E . 20.37 14.18 -5.03
CAC CYC E . 17.44 12.76 -3.49
CBC CYC E . 16.40 11.79 -3.96
OC CYC E . 19.95 16.57 -3.34
CHD CYC E . 15.66 15.11 -4.43
ND CYC E . 13.65 16.44 -4.97
C1D CYC E . 14.76 16.31 -4.23
C2D CYC E . 14.96 17.46 -3.31
C3D CYC E . 13.83 18.35 -3.60
C4D CYC E . 13.12 17.63 -4.65
CMD CYC E . 16.04 17.75 -2.31
CAD CYC E . 13.48 19.68 -2.98
CBD CYC E . 12.73 19.48 -1.65
CGD CYC E . 11.32 18.90 -1.74
O1D CYC E . 11.02 17.98 -0.96
O2D CYC E . 10.49 19.35 -2.56
#